data_3WKV
#
_entry.id   3WKV
#
_cell.length_a   86.540
_cell.length_b   86.540
_cell.length_c   89.553
_cell.angle_alpha   90.00
_cell.angle_beta   90.00
_cell.angle_gamma   120.00
#
_symmetry.space_group_name_H-M   'P 63'
#
_entity_poly.entity_id   1
_entity_poly.type   'polypeptide(L)'
_entity_poly.pdbx_seq_one_letter_code
;MGGSHHHHHHHHGENLYFQGLESTPRQSLDFRSRLRKLFSSHRFQVIIICLVVLDALLVLAELLLDLKIIEPDEQDYAVT
AFHYMSFAILVFFMLDLGLRIFAYGPKNFFTNPWEVADGLIVVVSFVLDLVLLFKSHHFEALGLLILLRLWRVARIINGI
IISRMKQLEDKIEELLSKIYHLENEIARLKKLIGER
;
_entity_poly.pdbx_strand_id   A
#
# COMPACT_ATOMS: atom_id res chain seq x y z
N PHE A 31 20.51 10.50 7.69
CA PHE A 31 20.45 11.06 6.34
C PHE A 31 20.26 10.00 5.25
N ARG A 32 19.27 10.22 4.39
CA ARG A 32 18.96 9.31 3.28
C ARG A 32 18.23 10.06 2.17
N SER A 33 18.70 9.96 0.94
CA SER A 33 18.17 10.81 -0.15
C SER A 33 17.65 10.05 -1.38
N ARG A 34 18.26 8.92 -1.70
CA ARG A 34 17.85 8.13 -2.86
C ARG A 34 16.36 7.82 -2.82
N LEU A 35 15.86 7.47 -1.63
CA LEU A 35 14.45 7.15 -1.43
C LEU A 35 13.53 8.32 -1.78
N ARG A 36 14.02 9.54 -1.61
CA ARG A 36 13.22 10.73 -1.89
C ARG A 36 13.61 11.40 -3.21
N LYS A 37 14.69 10.91 -3.83
CA LYS A 37 15.15 11.51 -5.08
C LYS A 37 14.55 10.83 -6.29
N LEU A 38 14.73 9.51 -6.36
CA LEU A 38 14.30 8.71 -7.51
C LEU A 38 12.81 8.42 -7.49
N PHE A 39 12.21 8.49 -6.31
CA PHE A 39 10.78 8.23 -6.14
C PHE A 39 9.91 9.29 -6.82
N SER A 40 10.50 10.43 -7.17
CA SER A 40 9.76 11.46 -7.90
C SER A 40 9.51 11.03 -9.35
N HIS A 42 4.05 5.26 -9.61
CA HIS A 42 5.13 4.92 -10.54
C HIS A 42 5.16 3.41 -10.85
N ARG A 43 6.32 2.94 -11.31
CA ARG A 43 6.49 1.56 -11.75
C ARG A 43 6.67 0.62 -10.56
N PHE A 44 7.36 1.09 -9.53
CA PHE A 44 7.52 0.34 -8.27
C PHE A 44 6.17 0.01 -7.61
N GLN A 45 5.23 0.92 -7.72
CA GLN A 45 3.88 0.69 -7.22
C GLN A 45 3.19 -0.42 -8.00
N VAL A 46 3.33 -0.37 -9.33
CA VAL A 46 2.83 -1.43 -10.20
C VAL A 46 3.38 -2.77 -9.77
N ILE A 47 4.69 -2.77 -9.52
CA ILE A 47 5.40 -3.93 -9.01
C ILE A 47 4.72 -4.45 -7.75
N ILE A 48 4.54 -3.57 -6.76
CA ILE A 48 3.88 -4.00 -5.51
C ILE A 48 2.40 -4.45 -5.69
N ILE A 49 1.76 -4.01 -6.76
CA ILE A 49 0.41 -4.47 -7.05
C ILE A 49 0.45 -5.89 -7.60
N CYS A 50 1.29 -6.11 -8.62
CA CYS A 50 1.37 -7.44 -9.19
C CYS A 50 1.77 -8.42 -8.09
N LEU A 51 2.60 -7.96 -7.15
CA LEU A 51 3.02 -8.82 -6.04
C LEU A 51 1.94 -9.01 -4.95
N VAL A 52 1.07 -8.02 -4.77
CA VAL A 52 -0.15 -8.24 -3.99
C VAL A 52 -0.93 -9.40 -4.57
N VAL A 53 -1.25 -9.32 -5.85
CA VAL A 53 -2.01 -10.41 -6.45
C VAL A 53 -1.23 -11.71 -6.37
N LEU A 54 0.09 -11.60 -6.35
CA LEU A 54 0.91 -12.79 -6.27
C LEU A 54 0.78 -13.46 -4.90
N ASP A 55 0.75 -12.70 -3.81
CA ASP A 55 0.62 -13.32 -2.48
C ASP A 55 -0.81 -13.76 -2.24
N ALA A 56 -1.71 -12.99 -2.83
CA ALA A 56 -3.11 -13.35 -2.90
C ALA A 56 -3.09 -14.79 -3.34
N LEU A 57 -2.79 -14.96 -4.63
CA LEU A 57 -2.70 -16.27 -5.25
C LEU A 57 -1.86 -17.31 -4.46
N LEU A 58 -0.87 -16.83 -3.71
CA LEU A 58 -0.02 -17.69 -2.92
C LEU A 58 -0.79 -18.38 -1.81
N VAL A 59 -1.52 -17.58 -1.04
CA VAL A 59 -2.24 -18.17 0.08
C VAL A 59 -3.46 -18.89 -0.44
N LEU A 60 -4.11 -18.34 -1.46
CA LEU A 60 -5.27 -19.07 -1.93
C LEU A 60 -4.88 -20.45 -2.45
N ALA A 61 -3.90 -20.52 -3.36
CA ALA A 61 -3.42 -21.82 -3.85
C ALA A 61 -3.00 -22.69 -2.68
N GLU A 62 -2.41 -22.05 -1.67
CA GLU A 62 -2.09 -22.75 -0.45
C GLU A 62 -3.31 -23.45 0.14
N LEU A 63 -4.37 -22.71 0.43
CA LEU A 63 -5.49 -23.31 1.12
C LEU A 63 -6.27 -24.28 0.23
N LEU A 64 -6.24 -24.03 -1.08
CA LEU A 64 -6.85 -24.95 -2.03
C LEU A 64 -6.16 -26.30 -1.98
N LEU A 65 -4.84 -26.29 -2.04
CA LEU A 65 -4.11 -27.53 -1.89
C LEU A 65 -4.28 -28.06 -0.47
N ASP A 66 -4.71 -27.19 0.45
CA ASP A 66 -5.02 -27.64 1.80
C ASP A 66 -6.41 -28.30 1.86
N LEU A 67 -7.29 -27.89 0.95
CA LEU A 67 -8.58 -28.56 0.80
C LEU A 67 -8.42 -29.94 0.14
N LYS A 68 -7.30 -30.15 -0.54
CA LYS A 68 -7.04 -31.42 -1.22
C LYS A 68 -6.22 -32.39 -0.38
N VAL A 79 0.18 -31.20 -2.75
CA VAL A 79 -0.14 -32.03 -1.59
C VAL A 79 0.50 -31.51 -0.29
N THR A 80 1.83 -31.57 -0.20
CA THR A 80 2.54 -31.33 1.07
C THR A 80 3.65 -30.26 1.02
N ALA A 81 4.49 -30.33 0.00
CA ALA A 81 5.63 -29.40 -0.13
C ALA A 81 5.32 -28.17 -0.99
N PHE A 82 4.29 -28.27 -1.82
CA PHE A 82 3.82 -27.11 -2.55
C PHE A 82 3.43 -26.11 -1.49
N HIS A 83 2.82 -26.63 -0.44
CA HIS A 83 2.46 -25.86 0.73
C HIS A 83 3.66 -25.16 1.39
N TYR A 84 4.71 -25.94 1.61
CA TYR A 84 6.01 -25.42 2.00
C TYR A 84 6.40 -24.20 1.13
N MET A 85 6.40 -24.40 -0.20
CA MET A 85 6.71 -23.33 -1.16
C MET A 85 5.87 -22.08 -0.92
N SER A 86 4.59 -22.33 -0.64
CA SER A 86 3.62 -21.28 -0.44
C SER A 86 4.04 -20.41 0.76
N PHE A 87 4.31 -21.07 1.88
CA PHE A 87 4.88 -20.43 3.08
C PHE A 87 6.14 -19.59 2.78
N ALA A 88 7.05 -20.17 1.99
CA ALA A 88 8.29 -19.51 1.64
C ALA A 88 8.05 -18.18 0.92
N ILE A 89 7.39 -18.26 -0.22
CA ILE A 89 7.20 -17.07 -1.05
C ILE A 89 6.29 -16.07 -0.33
N LEU A 90 5.43 -16.58 0.54
CA LEU A 90 4.74 -15.68 1.47
C LEU A 90 5.72 -14.83 2.31
N VAL A 91 6.69 -15.52 2.94
CA VAL A 91 7.73 -14.87 3.75
C VAL A 91 8.43 -13.82 2.91
N PHE A 92 8.70 -14.21 1.66
CA PHE A 92 9.22 -13.31 0.64
C PHE A 92 8.40 -12.02 0.66
N PHE A 93 7.11 -12.16 0.35
CA PHE A 93 6.17 -11.03 0.30
C PHE A 93 6.24 -10.11 1.54
N MET A 94 6.12 -10.74 2.73
CA MET A 94 6.21 -10.04 4.01
C MET A 94 7.41 -9.14 4.02
N LEU A 95 8.55 -9.79 3.92
CA LEU A 95 9.84 -9.11 3.97
C LEU A 95 9.92 -7.92 2.99
N ASP A 96 9.63 -8.16 1.71
CA ASP A 96 9.80 -7.11 0.70
C ASP A 96 8.90 -5.88 0.87
N LEU A 97 7.63 -6.10 1.17
CA LEU A 97 6.72 -4.99 1.40
C LEU A 97 7.23 -4.21 2.59
N GLY A 98 7.72 -4.93 3.60
CA GLY A 98 8.26 -4.30 4.79
C GLY A 98 9.42 -3.37 4.47
N LEU A 99 10.45 -3.94 3.83
CA LEU A 99 11.67 -3.19 3.52
C LEU A 99 11.40 -2.00 2.59
N ARG A 100 10.53 -2.19 1.60
CA ARG A 100 10.23 -1.17 0.58
C ARG A 100 9.09 -0.19 0.95
N ILE A 101 8.52 -0.34 2.13
CA ILE A 101 7.57 0.66 2.63
C ILE A 101 8.13 1.40 3.85
N PHE A 102 8.96 0.69 4.61
CA PHE A 102 9.70 1.33 5.70
C PHE A 102 10.64 2.40 5.15
N ALA A 103 11.19 2.13 3.97
CA ALA A 103 12.06 3.09 3.31
C ALA A 103 11.24 4.26 2.81
N TYR A 104 11.17 5.31 3.63
CA TYR A 104 10.48 6.53 3.24
C TYR A 104 11.35 7.73 3.58
N GLY A 105 11.82 7.78 4.82
CA GLY A 105 12.82 8.75 5.21
C GLY A 105 14.18 8.50 4.55
N PHE A 110 1.45 20.24 10.23
CA PHE A 110 0.83 19.89 11.50
C PHE A 110 0.19 18.51 11.43
N THR A 111 0.46 17.81 10.33
CA THR A 111 -0.36 16.68 9.93
C THR A 111 0.23 15.28 10.16
N ASN A 112 1.46 15.21 10.69
CA ASN A 112 2.15 13.94 10.91
C ASN A 112 1.43 12.81 11.64
N PRO A 113 0.76 13.12 12.78
CA PRO A 113 0.22 12.02 13.59
C PRO A 113 -0.66 11.00 12.85
N TRP A 114 -1.66 11.42 12.09
CA TRP A 114 -2.58 10.47 11.43
C TRP A 114 -1.91 9.62 10.34
N GLU A 115 -0.90 10.20 9.69
CA GLU A 115 -0.05 9.44 8.78
C GLU A 115 0.67 8.32 9.54
N VAL A 116 1.43 8.73 10.57
CA VAL A 116 2.11 7.79 11.45
C VAL A 116 1.17 6.66 11.92
N ALA A 117 -0.07 7.03 12.21
CA ALA A 117 -1.10 6.10 12.67
C ALA A 117 -1.41 5.10 11.58
N ASP A 118 -1.67 5.61 10.37
CA ASP A 118 -1.94 4.73 9.23
C ASP A 118 -0.83 3.68 9.06
N GLY A 119 0.38 4.18 8.89
CA GLY A 119 1.55 3.35 8.66
C GLY A 119 1.72 2.29 9.73
N LEU A 120 1.76 2.70 10.99
CA LEU A 120 1.90 1.74 12.07
C LEU A 120 0.72 0.77 12.15
N ILE A 121 -0.46 1.18 11.68
CA ILE A 121 -1.60 0.25 11.68
C ILE A 121 -1.29 -0.87 10.67
N VAL A 122 -0.81 -0.46 9.50
CA VAL A 122 -0.36 -1.38 8.46
C VAL A 122 0.66 -2.37 9.04
N VAL A 123 1.69 -1.80 9.65
CA VAL A 123 2.75 -2.56 10.27
C VAL A 123 2.14 -3.63 11.16
N VAL A 124 1.44 -3.21 12.21
CA VAL A 124 0.94 -4.17 13.22
C VAL A 124 0.00 -5.21 12.60
N SER A 125 -0.69 -4.77 11.55
CA SER A 125 -1.52 -5.64 10.76
C SER A 125 -0.66 -6.82 10.38
N PHE A 126 0.38 -6.55 9.61
CA PHE A 126 1.13 -7.66 9.03
C PHE A 126 2.15 -8.31 9.97
N VAL A 127 2.36 -7.71 11.13
CA VAL A 127 3.12 -8.41 12.17
C VAL A 127 2.24 -9.50 12.81
N LEU A 128 0.97 -9.18 13.03
CA LEU A 128 0.07 -10.22 13.49
C LEU A 128 -0.11 -11.22 12.37
N ASP A 129 0.03 -10.75 11.15
CA ASP A 129 0.05 -11.71 10.08
C ASP A 129 1.19 -12.67 10.24
N LEU A 130 2.38 -12.18 10.54
CA LEU A 130 3.51 -13.08 10.75
C LEU A 130 3.21 -14.06 11.92
N VAL A 131 2.60 -13.53 12.98
CA VAL A 131 2.20 -14.35 14.12
C VAL A 131 1.27 -15.46 13.66
N LEU A 132 0.33 -15.14 12.79
CA LEU A 132 -0.61 -16.13 12.26
C LEU A 132 0.09 -17.21 11.45
N LEU A 133 1.36 -16.98 11.13
CA LEU A 133 2.12 -18.01 10.48
C LEU A 133 2.67 -18.94 11.55
N PHE A 134 1.84 -19.26 12.53
CA PHE A 134 2.23 -20.17 13.61
C PHE A 134 1.08 -21.05 14.07
N PHE A 139 -5.15 -24.02 9.26
CA PHE A 139 -6.40 -23.78 9.98
C PHE A 139 -7.28 -22.81 9.21
N GLU A 140 -8.42 -22.45 9.76
CA GLU A 140 -9.32 -21.53 9.10
C GLU A 140 -8.85 -20.13 9.41
N ALA A 141 -7.90 -20.04 10.33
CA ALA A 141 -7.23 -18.78 10.61
C ALA A 141 -6.57 -18.29 9.35
N LEU A 142 -6.26 -19.20 8.42
CA LEU A 142 -5.90 -18.76 7.08
C LEU A 142 -6.82 -17.63 6.56
N GLY A 143 -8.13 -17.87 6.66
CA GLY A 143 -9.13 -16.81 6.53
C GLY A 143 -8.62 -15.48 7.06
N LEU A 144 -8.54 -15.34 8.40
CA LEU A 144 -7.82 -14.23 9.03
C LEU A 144 -6.63 -13.77 8.15
N LEU A 145 -5.61 -14.61 8.07
CA LEU A 145 -4.44 -14.34 7.25
C LEU A 145 -4.84 -13.74 5.88
N ILE A 146 -5.71 -14.44 5.17
CA ILE A 146 -6.17 -13.96 3.86
C ILE A 146 -6.68 -12.53 3.91
N LEU A 147 -7.60 -12.28 4.81
CA LEU A 147 -8.28 -11.03 4.76
C LEU A 147 -7.31 -9.96 5.17
N LEU A 148 -6.24 -10.38 5.82
CA LEU A 148 -5.23 -9.42 6.17
C LEU A 148 -4.50 -8.93 4.94
N ARG A 149 -4.19 -9.81 4.02
CA ARG A 149 -3.68 -9.30 2.77
C ARG A 149 -4.79 -8.41 2.20
N LEU A 150 -6.03 -8.89 2.30
CA LEU A 150 -7.19 -8.15 1.81
C LEU A 150 -7.38 -6.78 2.47
N TRP A 151 -6.66 -6.53 3.55
CA TRP A 151 -6.79 -5.24 4.18
C TRP A 151 -5.89 -4.26 3.43
N ARG A 152 -4.65 -4.70 3.20
CA ARG A 152 -3.63 -3.98 2.43
C ARG A 152 -4.27 -3.28 1.25
N VAL A 153 -4.96 -4.08 0.45
CA VAL A 153 -5.80 -3.59 -0.61
C VAL A 153 -6.55 -2.30 -0.22
N ALA A 154 -7.65 -2.40 0.50
CA ALA A 154 -8.37 -1.15 0.80
C ALA A 154 -7.71 -0.38 1.96
N ARG A 155 -6.38 -0.46 1.89
CA ARG A 155 -5.50 0.46 2.57
C ARG A 155 -4.72 1.17 1.48
N ILE A 156 -4.05 0.40 0.63
CA ILE A 156 -3.25 1.01 -0.46
C ILE A 156 -4.10 1.85 -1.41
N ILE A 157 -5.23 1.32 -1.90
CA ILE A 157 -6.12 2.12 -2.75
C ILE A 157 -6.46 3.42 -2.04
N ASN A 158 -6.60 3.38 -0.73
CA ASN A 158 -6.97 4.59 -0.04
C ASN A 158 -5.79 5.51 -0.03
N GLY A 159 -4.64 4.96 0.33
CA GLY A 159 -3.41 5.71 0.27
C GLY A 159 -3.11 6.09 -1.17
N ILE A 160 -3.93 5.60 -2.11
CA ILE A 160 -3.85 5.99 -3.52
C ILE A 160 -4.85 7.09 -3.85
N ILE A 161 -6.03 7.03 -3.24
CA ILE A 161 -7.02 8.02 -3.60
C ILE A 161 -6.72 9.33 -2.89
N ILE A 162 -6.34 9.27 -1.62
CA ILE A 162 -6.08 10.49 -0.84
C ILE A 162 -4.97 11.28 -1.52
N SER A 163 -4.00 10.52 -2.04
CA SER A 163 -3.02 11.08 -2.94
C SER A 163 -3.72 11.98 -3.97
N ARG A 164 -4.42 11.37 -4.94
CA ARG A 164 -5.13 12.12 -5.96
C ARG A 164 -5.79 13.31 -5.33
N MET A 165 -6.40 13.10 -4.17
CA MET A 165 -7.17 14.14 -3.50
C MET A 165 -6.29 15.35 -3.34
N LYS A 166 -5.26 15.19 -2.52
CA LYS A 166 -4.16 16.14 -2.39
C LYS A 166 -3.78 16.66 -3.76
N GLN A 167 -3.33 15.76 -4.62
CA GLN A 167 -2.93 16.18 -5.95
C GLN A 167 -4.04 16.97 -6.63
N LEU A 168 -5.24 16.42 -6.62
CA LEU A 168 -6.39 17.07 -7.24
C LEU A 168 -6.63 18.43 -6.57
N GLU A 169 -6.55 18.45 -5.25
CA GLU A 169 -6.78 19.69 -4.52
C GLU A 169 -5.77 20.75 -4.96
N ASP A 170 -4.56 20.30 -5.28
CA ASP A 170 -3.52 21.24 -5.68
C ASP A 170 -3.98 21.97 -6.94
N LYS A 171 -4.51 21.20 -7.90
CA LYS A 171 -5.02 21.77 -9.14
C LYS A 171 -6.15 22.74 -8.84
N ILE A 172 -6.94 22.41 -7.82
CA ILE A 172 -8.07 23.25 -7.46
C ILE A 172 -7.54 24.64 -7.14
N GLU A 173 -6.40 24.68 -6.44
CA GLU A 173 -5.79 25.96 -6.09
C GLU A 173 -5.47 26.71 -7.39
N GLU A 174 -4.78 26.00 -8.30
CA GLU A 174 -4.43 26.50 -9.62
C GLU A 174 -5.67 26.69 -10.51
N LEU A 175 -6.82 26.88 -9.89
CA LEU A 175 -8.01 27.25 -10.62
C LEU A 175 -8.52 28.49 -9.92
N LEU A 176 -8.64 28.42 -8.60
CA LEU A 176 -9.25 29.51 -7.83
C LEU A 176 -8.55 30.85 -8.10
N SER A 177 -7.27 30.89 -7.77
CA SER A 177 -6.45 32.08 -8.00
C SER A 177 -6.59 32.51 -9.44
N LYS A 178 -6.51 31.54 -10.35
CA LYS A 178 -6.55 31.85 -11.78
C LYS A 178 -7.85 32.58 -12.07
N ILE A 179 -8.94 32.04 -11.53
CA ILE A 179 -10.23 32.68 -11.62
C ILE A 179 -10.10 34.10 -11.08
N TYR A 180 -9.68 34.20 -9.83
CA TYR A 180 -9.37 35.47 -9.20
C TYR A 180 -8.53 36.34 -10.16
N HIS A 181 -7.47 35.78 -10.73
CA HIS A 181 -6.59 36.53 -11.65
C HIS A 181 -7.38 37.20 -12.77
N LEU A 182 -8.26 36.43 -13.41
CA LEU A 182 -9.02 36.93 -14.55
C LEU A 182 -9.90 38.10 -14.16
N GLU A 183 -10.42 38.08 -12.94
CA GLU A 183 -11.26 39.16 -12.46
C GLU A 183 -10.45 40.45 -12.47
N ASN A 184 -9.20 40.35 -12.01
CA ASN A 184 -8.30 41.49 -11.98
C ASN A 184 -8.06 42.03 -13.38
N GLU A 185 -8.16 41.14 -14.36
CA GLU A 185 -7.88 41.48 -15.75
C GLU A 185 -9.15 41.90 -16.47
N ILE A 186 -10.25 42.05 -15.73
CA ILE A 186 -11.48 42.54 -16.33
C ILE A 186 -11.77 43.97 -15.86
N ALA A 187 -11.56 44.22 -14.58
CA ALA A 187 -11.70 45.56 -14.04
C ALA A 187 -10.52 45.93 -13.15
N ARG A 188 -9.49 46.61 -13.69
CA ARG A 188 -9.29 46.96 -15.12
C ARG A 188 -10.30 47.89 -15.78
N LEU A 189 -11.10 47.34 -16.69
CA LEU A 189 -12.08 48.14 -17.40
C LEU A 189 -13.41 48.13 -16.68
#